data_4JMO
#
_entry.id   4JMO
#
_cell.length_a   89.940
_cell.length_b   89.940
_cell.length_c   89.940
_cell.angle_alpha   90.00
_cell.angle_beta   90.00
_cell.angle_gamma   90.00
#
_symmetry.space_group_name_H-M   'P 21 3'
#
loop_
_entity.id
_entity.type
_entity.pdbx_description
1 polymer Cytohesin-2
2 non-polymer N-(4-hydroxy-2,6-dimethylphenyl)-4-methoxybenzenesulfonamide
3 water water
#
_entity_poly.entity_id   1
_entity_poly.type   'polypeptide(L)'
_entity_poly.pdbx_seq_one_letter_code
;GSHMSKTLQRNRKMAMGRKKFNMDPKKGIQFLVENELLQNTPEEIARFLYKGEGLNKTAIGDYLGEREELNLAVLHAFVD
LHEFTDLNLVQALRQFLWSFRLPGEAQKIDRMMEAFAQRYCLCNPGVFQSTDTCYVLSFAVIMLNTSLHNPNVRDKPGLE
RFVAMNRGINEGGDLPEELLRNLYDSIRNEPFKIPEDDGN
;
_entity_poly.pdbx_strand_id   A
#
# COMPACT_ATOMS: atom_id res chain seq x y z
N HIS A 3 -30.07 15.81 17.10
CA HIS A 3 -30.84 15.14 18.18
C HIS A 3 -30.70 13.61 18.08
N MET A 4 -31.20 12.97 19.12
CA MET A 4 -30.88 11.62 19.40
C MET A 4 -31.39 10.62 18.39
N SER A 5 -32.63 10.78 17.92
CA SER A 5 -33.21 9.82 17.01
C SER A 5 -32.39 9.79 15.71
N LYS A 6 -32.11 10.97 15.17
CA LYS A 6 -31.32 11.13 13.96
C LYS A 6 -29.95 10.48 14.13
N THR A 7 -29.31 10.74 15.27
CA THR A 7 -27.99 10.20 15.56
C THR A 7 -28.00 8.66 15.62
N LEU A 8 -28.96 8.08 16.33
CA LEU A 8 -29.01 6.62 16.42
C LEU A 8 -29.30 5.96 15.08
N GLN A 9 -30.21 6.54 14.32
CA GLN A 9 -30.48 6.02 13.00
C GLN A 9 -29.23 6.12 12.13
N ARG A 10 -28.55 7.26 12.16
CA ARG A 10 -27.34 7.43 11.37
C ARG A 10 -26.25 6.44 11.73
N ASN A 11 -26.06 6.18 13.03
CA ASN A 11 -25.05 5.22 13.47
C ASN A 11 -25.32 3.84 12.91
N ARG A 12 -26.57 3.41 12.93
CA ARG A 12 -26.92 2.09 12.37
C ARG A 12 -26.72 2.09 10.85
N LYS A 13 -27.10 3.19 10.21
CA LYS A 13 -26.93 3.32 8.75
C LYS A 13 -25.44 3.28 8.34
N MET A 14 -24.59 3.95 9.09
CA MET A 14 -23.16 3.80 8.90
C MET A 14 -22.69 2.35 8.99
N ALA A 15 -23.16 1.62 10.01
CA ALA A 15 -22.79 0.22 10.14
C ALA A 15 -23.28 -0.58 8.94
N MET A 16 -24.49 -0.27 8.46
CA MET A 16 -25.01 -0.94 7.28
C MET A 16 -24.16 -0.60 6.04
N GLY A 17 -23.74 0.64 5.91
CA GLY A 17 -22.87 1.07 4.81
C GLY A 17 -21.57 0.32 4.76
N ARG A 18 -20.97 0.09 5.92
CA ARG A 18 -19.73 -0.66 5.99
C ARG A 18 -19.94 -2.10 5.53
N LYS A 19 -21.02 -2.72 5.97
CA LYS A 19 -21.33 -4.07 5.46
C LYS A 19 -21.57 -4.11 3.97
N LYS A 20 -22.28 -3.11 3.45
CA LYS A 20 -22.54 -2.97 2.03
C LYS A 20 -21.24 -2.82 1.25
N PHE A 21 -20.33 -1.99 1.77
CA PHE A 21 -19.02 -1.81 1.20
C PHE A 21 -18.28 -3.15 1.03
N ASN A 22 -18.34 -3.99 2.06
CA ASN A 22 -17.61 -5.24 2.08
C ASN A 22 -18.17 -6.20 1.06
N MET A 23 -19.45 -6.08 0.74
CA MET A 23 -20.09 -6.87 -0.32
C MET A 23 -19.72 -6.36 -1.71
N ASP A 24 -19.77 -5.05 -1.88
CA ASP A 24 -19.38 -4.35 -3.11
C ASP A 24 -18.99 -2.90 -2.78
N PRO A 25 -17.68 -2.58 -2.88
CA PRO A 25 -17.21 -1.28 -2.44
C PRO A 25 -17.93 -0.09 -3.08
N LYS A 26 -18.21 -0.13 -4.39
CA LYS A 26 -18.89 1.00 -5.01
C LYS A 26 -20.28 1.20 -4.47
N LYS A 27 -21.01 0.13 -4.28
CA LYS A 27 -22.35 0.22 -3.69
C LYS A 27 -22.30 0.75 -2.24
N GLY A 28 -21.31 0.34 -1.47
CA GLY A 28 -21.15 0.83 -0.12
C GLY A 28 -20.94 2.33 -0.04
N ILE A 29 -19.98 2.83 -0.81
CA ILE A 29 -19.68 4.23 -0.82
C ILE A 29 -20.92 5.02 -1.32
N GLN A 30 -21.63 4.46 -2.29
CA GLN A 30 -22.82 5.10 -2.84
C GLN A 30 -23.84 5.26 -1.72
N PHE A 31 -24.06 4.20 -0.96
CA PHE A 31 -25.00 4.26 0.17
C PHE A 31 -24.58 5.32 1.16
N LEU A 32 -23.30 5.36 1.54
CA LEU A 32 -22.84 6.36 2.52
C LEU A 32 -22.94 7.79 2.02
N VAL A 33 -22.57 8.00 0.76
CA VAL A 33 -22.70 9.30 0.15
C VAL A 33 -24.16 9.74 0.07
N GLU A 34 -25.01 8.87 -0.42
CA GLU A 34 -26.37 9.29 -0.73
C GLU A 34 -27.13 9.59 0.59
N ASN A 35 -26.68 8.96 1.66
CA ASN A 35 -27.28 9.13 2.96
C ASN A 35 -26.57 10.16 3.84
N GLU A 36 -25.67 10.92 3.24
CA GLU A 36 -24.91 11.99 3.91
C GLU A 36 -24.12 11.52 5.12
N LEU A 37 -23.59 10.30 5.02
CA LEU A 37 -22.75 9.71 6.05
C LEU A 37 -21.28 9.88 5.74
N LEU A 38 -21.00 10.25 4.49
CA LEU A 38 -19.65 10.39 3.95
C LEU A 38 -19.67 11.40 2.84
N GLN A 39 -18.76 12.39 2.90
CA GLN A 39 -18.64 13.38 1.83
C GLN A 39 -18.00 12.77 0.61
N ASN A 40 -18.52 13.09 -0.57
CA ASN A 40 -18.07 12.55 -1.84
C ASN A 40 -16.87 13.32 -2.43
N THR A 41 -15.80 13.41 -1.64
CA THR A 41 -14.54 13.94 -2.11
C THR A 41 -13.45 12.89 -2.03
N PRO A 42 -12.42 13.00 -2.88
CA PRO A 42 -11.34 12.04 -2.83
C PRO A 42 -10.70 11.94 -1.45
N GLU A 43 -10.45 13.08 -0.82
CA GLU A 43 -9.78 13.11 0.49
C GLU A 43 -10.64 12.44 1.59
N GLU A 44 -11.94 12.70 1.59
CA GLU A 44 -12.78 12.13 2.65
C GLU A 44 -12.98 10.63 2.44
N ILE A 45 -13.15 10.21 1.18
CA ILE A 45 -13.22 8.77 0.88
C ILE A 45 -11.91 8.10 1.29
N ALA A 46 -10.78 8.67 0.90
CA ALA A 46 -9.51 8.10 1.25
C ALA A 46 -9.30 7.99 2.79
N ARG A 47 -9.64 9.05 3.54
CA ARG A 47 -9.55 9.02 5.01
C ARG A 47 -10.43 7.92 5.63
N PHE A 48 -11.62 7.73 5.06
CA PHE A 48 -12.54 6.65 5.47
C PHE A 48 -11.87 5.27 5.28
N LEU A 49 -11.21 5.09 4.14
CA LEU A 49 -10.58 3.82 3.84
C LEU A 49 -9.34 3.60 4.69
N TYR A 50 -8.60 4.66 4.98
CA TYR A 50 -7.36 4.56 5.76
C TYR A 50 -7.66 4.22 7.19
N LYS A 51 -8.70 4.85 7.74
CA LYS A 51 -9.21 4.47 9.07
C LYS A 51 -9.63 2.99 9.08
N GLY A 52 -10.35 2.59 8.03
CA GLY A 52 -10.72 1.22 7.78
C GLY A 52 -11.57 0.51 8.80
N GLU A 53 -12.41 1.23 9.53
CA GLU A 53 -13.14 0.59 10.63
C GLU A 53 -14.20 -0.33 10.09
N GLY A 54 -14.13 -1.58 10.49
CA GLY A 54 -15.06 -2.58 10.03
C GLY A 54 -15.03 -2.86 8.55
N LEU A 55 -13.98 -2.42 7.87
CA LEU A 55 -13.83 -2.67 6.45
C LEU A 55 -12.88 -3.79 6.16
N ASN A 56 -13.27 -4.62 5.20
CA ASN A 56 -12.48 -5.72 4.75
CA ASN A 56 -12.49 -5.73 4.73
C ASN A 56 -11.35 -5.17 3.86
N LYS A 57 -10.10 -5.53 4.19
CA LYS A 57 -8.94 -4.94 3.46
C LYS A 57 -8.86 -5.34 1.99
N THR A 58 -9.40 -6.50 1.65
CA THR A 58 -9.55 -6.92 0.27
C THR A 58 -10.52 -6.00 -0.46
N ALA A 59 -11.63 -5.63 0.17
CA ALA A 59 -12.58 -4.67 -0.42
C ALA A 59 -11.97 -3.28 -0.55
N ILE A 60 -11.15 -2.88 0.42
CA ILE A 60 -10.46 -1.62 0.32
C ILE A 60 -9.55 -1.59 -0.94
N GLY A 61 -8.81 -2.66 -1.16
CA GLY A 61 -7.90 -2.76 -2.30
C GLY A 61 -8.67 -2.82 -3.61
N ASP A 62 -9.82 -3.48 -3.62
CA ASP A 62 -10.68 -3.52 -4.80
C ASP A 62 -11.10 -2.10 -5.19
N TYR A 63 -11.56 -1.32 -4.23
CA TYR A 63 -11.99 0.05 -4.53
C TYR A 63 -10.81 0.89 -5.04
N LEU A 64 -9.67 0.71 -4.39
CA LEU A 64 -8.47 1.51 -4.72
C LEU A 64 -7.88 1.19 -6.09
N GLY A 65 -8.16 -0.02 -6.60
CA GLY A 65 -7.69 -0.44 -7.91
C GLY A 65 -8.61 -0.20 -9.08
N GLU A 66 -9.75 0.47 -8.86
CA GLU A 66 -10.62 0.82 -9.98
C GLU A 66 -9.98 1.92 -10.85
N ARG A 67 -10.27 1.86 -12.14
CA ARG A 67 -9.63 2.72 -13.12
C ARG A 67 -10.34 4.08 -13.27
N GLU A 68 -11.55 4.22 -12.76
CA GLU A 68 -12.22 5.48 -13.06
C GLU A 68 -11.64 6.64 -12.26
N GLU A 69 -11.89 7.82 -12.78
CA GLU A 69 -11.31 9.06 -12.26
C GLU A 69 -11.36 9.20 -10.73
N LEU A 70 -12.55 9.06 -10.13
CA LEU A 70 -12.65 9.28 -8.70
C LEU A 70 -11.80 8.28 -7.96
N ASN A 71 -11.82 7.02 -8.39
CA ASN A 71 -11.05 6.01 -7.70
C ASN A 71 -9.58 6.23 -7.78
N LEU A 72 -9.11 6.68 -8.93
CA LEU A 72 -7.71 7.06 -9.08
C LEU A 72 -7.32 8.18 -8.11
N ALA A 73 -8.19 9.15 -8.00
CA ALA A 73 -7.98 10.29 -7.10
C ALA A 73 -7.99 9.85 -5.61
N VAL A 74 -8.88 8.92 -5.27
CA VAL A 74 -8.89 8.37 -3.92
C VAL A 74 -7.59 7.60 -3.64
N LEU A 75 -7.15 6.75 -4.58
CA LEU A 75 -5.87 6.12 -4.45
C LEU A 75 -4.72 7.12 -4.12
N HIS A 76 -4.60 8.19 -4.91
CA HIS A 76 -3.56 9.19 -4.72
C HIS A 76 -3.66 9.82 -3.34
N ALA A 77 -4.87 10.21 -2.96
CA ALA A 77 -5.12 10.80 -1.64
C ALA A 77 -4.83 9.85 -0.49
N PHE A 78 -5.14 8.56 -0.68
CA PHE A 78 -4.86 7.50 0.29
C PHE A 78 -3.36 7.30 0.48
N VAL A 79 -2.62 7.21 -0.61
CA VAL A 79 -1.18 7.12 -0.50
C VAL A 79 -0.62 8.36 0.22
N ASP A 80 -1.20 9.51 -0.05
CA ASP A 80 -0.75 10.76 0.59
C ASP A 80 -0.97 10.78 2.08
N LEU A 81 -1.84 9.90 2.58
CA LEU A 81 -2.08 9.82 4.03
C LEU A 81 -0.94 9.12 4.78
N HIS A 82 -0.13 8.36 4.06
CA HIS A 82 1.00 7.62 4.64
C HIS A 82 2.16 8.57 4.79
N GLU A 83 2.85 8.49 5.93
CA GLU A 83 3.95 9.36 6.24
C GLU A 83 5.17 8.49 6.27
N PHE A 84 6.05 8.63 5.28
CA PHE A 84 7.21 7.77 5.18
C PHE A 84 8.54 8.45 5.52
N THR A 85 8.51 9.70 5.98
CA THR A 85 9.75 10.45 6.24
C THR A 85 10.58 9.73 7.31
N ASP A 86 11.86 9.56 6.99
CA ASP A 86 12.86 8.92 7.83
C ASP A 86 12.62 7.43 8.04
N LEU A 87 11.82 6.81 7.17
CA LEU A 87 11.63 5.37 7.21
C LEU A 87 12.48 4.80 6.10
N ASN A 88 13.09 3.64 6.33
CA ASN A 88 13.73 2.92 5.25
C ASN A 88 12.66 2.28 4.40
N LEU A 89 13.05 1.75 3.26
CA LEU A 89 12.05 1.29 2.28
C LEU A 89 11.21 0.13 2.80
N VAL A 90 11.81 -0.72 3.63
CA VAL A 90 11.09 -1.86 4.16
C VAL A 90 10.06 -1.42 5.20
N GLN A 91 10.48 -0.53 6.11
CA GLN A 91 9.61 0.08 7.13
C GLN A 91 8.38 0.71 6.45
N ALA A 92 8.64 1.39 5.35
CA ALA A 92 7.58 2.07 4.61
C ALA A 92 6.65 1.05 3.95
N LEU A 93 7.23 0.03 3.32
CA LEU A 93 6.42 -0.98 2.67
C LEU A 93 5.55 -1.77 3.65
N ARG A 94 6.08 -2.07 4.84
CA ARG A 94 5.33 -2.78 5.88
C ARG A 94 4.04 -2.06 6.17
N GLN A 95 4.15 -0.76 6.35
CA GLN A 95 3.01 0.08 6.70
C GLN A 95 2.02 0.14 5.52
N PHE A 96 2.53 0.31 4.29
CA PHE A 96 1.65 0.45 3.11
C PHE A 96 0.89 -0.83 2.84
N LEU A 97 1.64 -1.93 2.81
CA LEU A 97 1.09 -3.23 2.49
C LEU A 97 0.10 -3.75 3.57
N TRP A 98 0.20 -3.20 4.79
CA TRP A 98 -0.73 -3.56 5.86
C TRP A 98 -2.07 -2.83 5.72
N SER A 99 -2.04 -1.66 5.06
CA SER A 99 -3.21 -0.77 5.04
C SER A 99 -4.37 -1.28 4.16
N PHE A 100 -4.08 -2.19 3.25
CA PHE A 100 -5.07 -2.83 2.42
C PHE A 100 -4.46 -4.07 1.82
N ARG A 101 -5.29 -4.90 1.26
CA ARG A 101 -4.85 -6.11 0.62
C ARG A 101 -4.81 -5.88 -0.90
N LEU A 102 -3.64 -6.11 -1.49
CA LEU A 102 -3.46 -5.84 -2.91
C LEU A 102 -4.44 -6.66 -3.71
N PRO A 103 -5.01 -6.08 -4.76
CA PRO A 103 -5.80 -6.95 -5.66
C PRO A 103 -4.91 -7.87 -6.47
N GLY A 104 -5.53 -8.79 -7.21
CA GLY A 104 -4.79 -9.78 -7.96
C GLY A 104 -4.26 -9.32 -9.30
N GLU A 105 -4.86 -8.26 -9.86
CA GLU A 105 -4.60 -7.83 -11.24
C GLU A 105 -3.30 -7.01 -11.37
N ALA A 106 -2.42 -7.47 -12.27
CA ALA A 106 -1.12 -6.83 -12.46
C ALA A 106 -1.21 -5.31 -12.69
N GLN A 107 -2.13 -4.85 -13.54
CA GLN A 107 -2.17 -3.40 -13.84
C GLN A 107 -2.54 -2.60 -12.58
N LYS A 108 -3.40 -3.15 -11.75
CA LYS A 108 -3.79 -2.48 -10.52
C LYS A 108 -2.62 -2.41 -9.55
N ILE A 109 -1.97 -3.54 -9.37
CA ILE A 109 -0.81 -3.59 -8.48
C ILE A 109 0.25 -2.60 -8.99
N ASP A 110 0.46 -2.56 -10.29
CA ASP A 110 1.45 -1.64 -10.87
C ASP A 110 1.12 -0.20 -10.48
N ARG A 111 -0.15 0.18 -10.63
CA ARG A 111 -0.59 1.54 -10.29
C ARG A 111 -0.33 1.83 -8.80
N MET A 112 -0.66 0.85 -7.97
CA MET A 112 -0.52 1.05 -6.50
C MET A 112 0.94 1.20 -6.08
N MET A 113 1.80 0.37 -6.64
CA MET A 113 3.22 0.38 -6.29
C MET A 113 3.93 1.58 -6.87
N GLU A 114 3.49 2.03 -8.04
CA GLU A 114 4.02 3.27 -8.60
C GLU A 114 3.66 4.45 -7.70
N ALA A 115 2.41 4.51 -7.21
CA ALA A 115 1.99 5.57 -6.32
C ALA A 115 2.83 5.51 -5.02
N PHE A 116 3.00 4.31 -4.50
CA PHE A 116 3.86 4.08 -3.35
C PHE A 116 5.27 4.57 -3.63
N ALA A 117 5.86 4.12 -4.73
CA ALA A 117 7.21 4.52 -5.07
C ALA A 117 7.41 6.02 -5.10
N GLN A 118 6.52 6.71 -5.81
CA GLN A 118 6.54 8.18 -5.87
C GLN A 118 6.51 8.82 -4.49
N ARG A 119 5.61 8.33 -3.63
CA ARG A 119 5.45 8.90 -2.29
C ARG A 119 6.68 8.66 -1.43
N TYR A 120 7.24 7.46 -1.47
CA TYR A 120 8.44 7.16 -0.70
C TYR A 120 9.57 8.14 -1.04
N CYS A 121 9.73 8.37 -2.33
CA CYS A 121 10.77 9.18 -2.89
C CYS A 121 10.59 10.66 -2.58
N LEU A 122 9.37 11.13 -2.67
CA LEU A 122 9.03 12.46 -2.20
C LEU A 122 9.35 12.63 -0.70
N CYS A 123 8.98 11.64 0.12
CA CYS A 123 9.21 11.70 1.58
C CYS A 123 10.66 11.58 2.02
N ASN A 124 11.48 10.96 1.17
CA ASN A 124 12.89 10.69 1.44
C ASN A 124 13.76 11.01 0.24
N PRO A 125 13.81 12.28 -0.15
CA PRO A 125 14.44 12.74 -1.41
C PRO A 125 15.91 12.36 -1.61
N GLY A 126 16.65 12.19 -0.52
CA GLY A 126 18.08 11.84 -0.64
C GLY A 126 18.36 10.37 -0.93
N VAL A 127 17.38 9.49 -0.81
CA VAL A 127 17.63 8.04 -0.82
C VAL A 127 17.77 7.48 -2.24
N PHE A 128 16.73 7.70 -3.05
CA PHE A 128 16.72 7.26 -4.45
C PHE A 128 16.51 8.45 -5.36
N GLN A 129 17.42 8.65 -6.29
CA GLN A 129 17.31 9.75 -7.24
C GLN A 129 16.30 9.45 -8.33
N SER A 130 15.98 8.19 -8.51
CA SER A 130 15.05 7.80 -9.55
C SER A 130 13.90 6.98 -8.94
N THR A 131 12.69 7.35 -9.33
CA THR A 131 11.51 6.62 -8.91
C THR A 131 11.45 5.22 -9.54
N ASP A 132 12.10 5.01 -10.69
CA ASP A 132 12.23 3.63 -11.22
C ASP A 132 13.04 2.74 -10.26
N THR A 133 14.10 3.29 -9.70
CA THR A 133 14.94 2.54 -8.75
C THR A 133 14.08 2.18 -7.56
N CYS A 134 13.30 3.14 -7.05
CA CYS A 134 12.50 2.85 -5.87
CA CYS A 134 12.36 2.99 -5.88
C CYS A 134 11.50 1.72 -6.17
N TYR A 135 10.86 1.75 -7.32
CA TYR A 135 9.91 0.72 -7.75
C TYR A 135 10.55 -0.66 -7.89
N VAL A 136 11.68 -0.74 -8.59
CA VAL A 136 12.36 -2.00 -8.77
C VAL A 136 12.82 -2.56 -7.42
N LEU A 137 13.35 -1.71 -6.56
CA LEU A 137 13.88 -2.18 -5.28
C LEU A 137 12.71 -2.58 -4.34
N SER A 138 11.57 -1.91 -4.47
CA SER A 138 10.35 -2.33 -3.73
C SER A 138 9.95 -3.75 -4.04
N PHE A 139 9.87 -4.08 -5.33
CA PHE A 139 9.67 -5.49 -5.74
C PHE A 139 10.81 -6.43 -5.37
N ALA A 140 12.05 -5.93 -5.37
CA ALA A 140 13.16 -6.76 -4.91
C ALA A 140 12.95 -7.20 -3.45
N VAL A 141 12.56 -6.25 -2.62
CA VAL A 141 12.24 -6.54 -1.22
C VAL A 141 11.07 -7.53 -1.06
N ILE A 142 10.02 -7.34 -1.82
CA ILE A 142 8.88 -8.25 -1.77
C ILE A 142 9.33 -9.64 -2.19
N MET A 143 10.16 -9.72 -3.23
CA MET A 143 10.65 -11.02 -3.73
C MET A 143 11.55 -11.69 -2.69
N LEU A 144 12.39 -10.92 -2.01
CA LEU A 144 13.26 -11.45 -0.94
C LEU A 144 12.45 -12.02 0.23
N ASN A 145 11.41 -11.28 0.62
CA ASN A 145 10.44 -11.75 1.64
C ASN A 145 9.92 -13.14 1.34
N THR A 146 9.47 -13.32 0.13
CA THR A 146 9.04 -14.63 -0.30
C THR A 146 10.17 -15.65 -0.31
N SER A 147 11.34 -15.27 -0.83
CA SER A 147 12.43 -16.22 -0.97
C SER A 147 12.91 -16.71 0.37
N LEU A 148 13.05 -15.80 1.31
CA LEU A 148 13.60 -16.16 2.65
C LEU A 148 12.57 -16.94 3.48
N HIS A 149 11.29 -16.61 3.32
CA HIS A 149 10.28 -17.05 4.30
C HIS A 149 9.23 -18.03 3.82
N ASN A 150 9.29 -18.32 2.54
CA ASN A 150 8.44 -19.33 1.96
C ASN A 150 9.28 -20.60 1.82
N PRO A 151 8.92 -21.65 2.57
CA PRO A 151 9.65 -22.94 2.53
C PRO A 151 9.60 -23.67 1.19
N ASN A 152 8.64 -23.34 0.33
CA ASN A 152 8.66 -23.85 -1.06
C ASN A 152 9.87 -23.35 -1.82
N VAL A 153 10.39 -22.18 -1.46
CA VAL A 153 11.68 -21.72 -1.98
C VAL A 153 12.74 -22.41 -1.14
N ARG A 154 13.31 -23.50 -1.67
CA ARG A 154 14.18 -24.38 -0.88
C ARG A 154 15.64 -23.89 -0.73
N ASP A 155 16.03 -22.88 -1.52
CA ASP A 155 17.39 -22.30 -1.42
C ASP A 155 17.33 -20.79 -1.19
N LYS A 156 17.79 -20.38 -0.01
CA LYS A 156 17.64 -19.00 0.45
C LYS A 156 18.81 -18.11 0.01
N PRO A 157 18.51 -16.98 -0.66
CA PRO A 157 19.54 -16.04 -1.13
C PRO A 157 20.22 -15.30 0.01
N GLY A 158 21.55 -15.32 -0.01
CA GLY A 158 22.34 -14.63 0.97
C GLY A 158 22.41 -13.17 0.57
N LEU A 159 22.95 -12.36 1.47
CA LEU A 159 23.07 -10.95 1.20
C LEU A 159 23.80 -10.69 -0.11
N GLU A 160 24.90 -11.40 -0.36
CA GLU A 160 25.78 -11.13 -1.51
C GLU A 160 25.01 -11.33 -2.79
N ARG A 161 24.17 -12.37 -2.80
CA ARG A 161 23.25 -12.64 -3.90
C ARG A 161 22.22 -11.49 -4.14
N PHE A 162 21.67 -10.97 -3.06
CA PHE A 162 20.68 -9.87 -3.13
C PHE A 162 21.35 -8.60 -3.67
N VAL A 163 22.55 -8.34 -3.19
CA VAL A 163 23.34 -7.23 -3.69
C VAL A 163 23.57 -7.44 -5.20
N ALA A 164 24.04 -8.62 -5.59
CA ALA A 164 24.37 -8.85 -7.00
C ALA A 164 23.18 -8.70 -7.95
N MET A 165 22.01 -9.15 -7.51
CA MET A 165 20.79 -9.03 -8.31
C MET A 165 20.34 -7.59 -8.57
N ASN A 166 20.85 -6.62 -7.85
CA ASN A 166 20.35 -5.27 -8.02
C ASN A 166 21.41 -4.26 -8.55
N ARG A 167 22.55 -4.78 -9.03
CA ARG A 167 23.51 -3.96 -9.77
C ARG A 167 22.88 -3.15 -10.90
N GLY A 168 23.33 -1.91 -11.04
CA GLY A 168 23.03 -1.12 -12.24
C GLY A 168 21.79 -0.30 -12.22
N ILE A 169 20.96 -0.43 -11.17
CA ILE A 169 19.63 0.23 -11.16
C ILE A 169 19.61 1.64 -10.58
N ASN A 170 20.74 2.07 -10.03
CA ASN A 170 20.93 3.39 -9.46
C ASN A 170 21.48 4.39 -10.50
N GLU A 171 20.60 4.74 -11.44
CA GLU A 171 20.92 5.60 -12.59
C GLU A 171 22.15 5.07 -13.31
N GLY A 172 22.24 3.75 -13.47
CA GLY A 172 23.38 3.10 -14.12
C GLY A 172 24.50 2.67 -13.18
N GLY A 173 24.52 3.19 -11.96
CA GLY A 173 25.42 2.71 -10.91
C GLY A 173 24.66 1.81 -9.94
N ASP A 174 25.25 1.60 -8.76
CA ASP A 174 24.74 0.67 -7.78
C ASP A 174 24.27 1.44 -6.59
N LEU A 175 23.35 0.82 -5.85
CA LEU A 175 22.96 1.33 -4.56
C LEU A 175 24.07 1.10 -3.53
N PRO A 176 24.14 1.94 -2.50
CA PRO A 176 25.08 1.69 -1.40
C PRO A 176 24.88 0.31 -0.76
N GLU A 177 25.99 -0.40 -0.57
CA GLU A 177 25.98 -1.76 -0.03
C GLU A 177 25.26 -1.79 1.33
N GLU A 178 25.46 -0.73 2.10
CA GLU A 178 24.92 -0.64 3.47
C GLU A 178 23.41 -0.50 3.43
N LEU A 179 22.89 0.27 2.46
CA LEU A 179 21.44 0.34 2.24
C LEU A 179 20.88 -1.04 1.97
N LEU A 180 21.44 -1.76 1.01
CA LEU A 180 20.96 -3.12 0.73
C LEU A 180 21.09 -4.05 1.94
N ARG A 181 22.20 -3.95 2.67
CA ARG A 181 22.37 -4.76 3.87
C ARG A 181 21.27 -4.47 4.87
N ASN A 182 20.99 -3.21 5.11
CA ASN A 182 19.91 -2.82 6.06
C ASN A 182 18.53 -3.37 5.66
N LEU A 183 18.23 -3.36 4.37
CA LEU A 183 16.93 -3.87 3.89
C LEU A 183 16.86 -5.39 4.00
N TYR A 184 17.93 -6.06 3.60
CA TYR A 184 18.05 -7.51 3.72
C TYR A 184 17.82 -7.94 5.17
N ASP A 185 18.57 -7.32 6.07
CA ASP A 185 18.49 -7.67 7.50
C ASP A 185 17.10 -7.46 8.04
N SER A 186 16.47 -6.35 7.63
CA SER A 186 15.13 -6.00 8.08
C SER A 186 14.11 -7.10 7.70
N ILE A 187 14.12 -7.48 6.43
CA ILE A 187 13.24 -8.57 5.97
C ILE A 187 13.60 -9.91 6.59
N ARG A 188 14.89 -10.22 6.67
CA ARG A 188 15.31 -11.50 7.25
C ARG A 188 14.70 -11.63 8.64
N ASN A 189 14.87 -10.57 9.42
CA ASN A 189 14.51 -10.60 10.83
C ASN A 189 13.02 -10.50 11.12
N GLU A 190 12.24 -9.98 10.16
CA GLU A 190 10.78 -9.85 10.32
C GLU A 190 10.06 -9.91 8.97
N PRO A 191 9.45 -11.08 8.65
CA PRO A 191 8.68 -11.19 7.40
C PRO A 191 7.58 -10.15 7.34
N PHE A 192 7.20 -9.74 6.12
CA PHE A 192 6.04 -8.86 5.98
C PHE A 192 4.80 -9.50 6.55
N LYS A 193 4.01 -8.73 7.27
CA LYS A 193 2.67 -9.23 7.63
C LYS A 193 1.64 -8.92 6.50
N ILE A 194 0.96 -9.97 6.01
CA ILE A 194 -0.21 -9.86 5.07
C ILE A 194 -1.52 -9.70 5.83
N PRO A 195 -2.39 -8.79 5.37
CA PRO A 195 -3.70 -8.65 6.01
C PRO A 195 -4.60 -9.87 5.83
#